data_2Z5F
#
_entry.id   2Z5F
#
_cell.length_a   44.813
_cell.length_b   77.072
_cell.length_c   189.385
_cell.angle_alpha   90.00
_cell.angle_beta   90.00
_cell.angle_gamma   90.00
#
_symmetry.space_group_name_H-M   'P 21 21 21'
#
loop_
_entity.id
_entity.type
_entity.pdbx_description
1 polymer 'Sulfotransferase family cytosolic 1B member 1'
2 non-polymer "ADENOSINE-3'-5'-DIPHOSPHATE"
3 water water
#
_entity_poly.entity_id   1
_entity_poly.type   'polypeptide(L)'
_entity_poly.pdbx_seq_one_letter_code
;GSMLSPKDILRKDLKLVHGYPMTCAFASNWEKIEQFHSRPDDIVIATYPKSGTTWVSEIIDMILNDGDIEKCKRGFITEK
VPMLEMTLPGLRTSGIEQLEKNPSPRIVKTHLPTDLLPKSFWENNCKMIYLARNAKDVSVSYYHFDLMNNLQPFPGTWEE
YLEKFLTGKVAYGSWFTHVKNWWKRKEEHPILFLYYEDMKENPKEEIKKIIRFLEKNLNDEILDRIIHHTSFEVMKDNPL
VNYTHLPTTVMDHSKSPFMRKGTAGDWKNYFTVAQNEKFDAIYETEMSKTALQFRTEI
;
_entity_poly.pdbx_strand_id   A,B
#
# COMPACT_ATOMS: atom_id res chain seq x y z
N PRO A 6 4.49 13.42 43.17
CA PRO A 6 4.56 13.77 41.73
C PRO A 6 5.80 14.60 41.38
N LYS A 7 6.17 15.57 42.23
CA LYS A 7 7.37 16.41 42.00
C LYS A 7 8.65 15.63 41.73
N ASP A 8 8.70 14.35 42.09
CA ASP A 8 9.93 13.57 41.91
C ASP A 8 10.03 12.85 40.55
N ILE A 9 8.90 12.68 39.85
CA ILE A 9 8.90 12.08 38.53
C ILE A 9 8.70 13.08 37.37
N LEU A 10 8.34 14.32 37.68
CA LEU A 10 8.00 15.25 36.61
C LEU A 10 9.24 15.85 35.94
N ARG A 11 9.25 15.79 34.61
CA ARG A 11 10.26 16.48 33.83
C ARG A 11 11.70 16.06 34.19
N LYS A 12 11.87 14.82 34.60
CA LYS A 12 13.17 14.33 34.99
C LYS A 12 13.92 13.74 33.81
N ASP A 13 15.23 13.63 33.96
CA ASP A 13 16.11 13.04 32.99
C ASP A 13 15.67 11.59 32.77
N LEU A 14 15.85 11.10 31.56
CA LEU A 14 15.76 9.66 31.32
C LEU A 14 16.81 8.92 32.15
N LYS A 15 16.46 7.68 32.54
CA LYS A 15 17.36 6.68 33.16
C LYS A 15 17.57 5.54 32.16
N LEU A 16 18.75 4.96 32.15
CA LEU A 16 19.02 3.80 31.32
C LEU A 16 18.52 2.53 32.03
N VAL A 17 17.83 1.68 31.28
CA VAL A 17 17.45 0.35 31.76
C VAL A 17 17.86 -0.54 30.62
N HIS A 18 18.68 -1.54 30.90
CA HIS A 18 19.27 -2.41 29.88
C HIS A 18 19.84 -1.70 28.65
N GLY A 19 20.48 -0.56 28.86
CA GLY A 19 21.05 0.21 27.76
C GLY A 19 20.06 1.09 26.99
N TYR A 20 18.79 1.14 27.43
CA TYR A 20 17.79 1.99 26.75
C TYR A 20 17.44 3.20 27.62
N PRO A 21 17.48 4.43 27.02
CA PRO A 21 16.97 5.57 27.78
C PRO A 21 15.48 5.29 28.02
N MET A 22 15.02 5.57 29.23
CA MET A 22 13.64 5.27 29.66
C MET A 22 13.08 6.46 30.45
N THR A 23 11.82 6.81 30.18
CA THR A 23 11.07 7.77 30.97
C THR A 23 11.28 7.47 32.48
N CYS A 24 11.70 8.51 33.20
CA CYS A 24 12.03 8.37 34.61
C CYS A 24 10.92 7.69 35.42
N ALA A 25 9.66 8.11 35.27
CA ALA A 25 8.53 7.45 35.96
C ALA A 25 8.42 5.92 35.74
N PHE A 26 8.82 5.45 34.56
CA PHE A 26 8.63 4.05 34.18
C PHE A 26 9.83 3.20 34.53
N ALA A 27 10.89 3.81 35.01
CA ALA A 27 12.19 3.13 35.11
C ALA A 27 12.45 2.32 36.41
N SER A 28 11.55 2.43 37.40
CA SER A 28 11.64 1.71 38.71
C SER A 28 10.89 0.35 38.77
N ASN A 29 11.25 -0.47 39.75
CA ASN A 29 10.72 -1.82 39.89
C ASN A 29 10.65 -2.60 38.55
N TRP A 30 11.77 -2.64 37.81
CA TRP A 30 11.73 -3.18 36.45
C TRP A 30 11.57 -4.69 36.48
N GLU A 31 11.86 -5.25 37.64
CA GLU A 31 11.73 -6.68 37.96
C GLU A 31 10.30 -7.17 37.73
N LYS A 32 9.34 -6.37 38.14
CA LYS A 32 7.92 -6.63 37.87
C LYS A 32 7.51 -6.80 36.40
N ILE A 33 8.03 -5.94 35.52
CA ILE A 33 7.85 -6.04 34.09
C ILE A 33 8.49 -7.29 33.54
N GLU A 34 9.76 -7.48 33.88
CA GLU A 34 10.55 -8.60 33.45
C GLU A 34 9.86 -9.95 33.66
N GLN A 35 9.20 -10.04 34.82
CA GLN A 35 8.58 -11.27 35.33
C GLN A 35 7.06 -11.30 35.14
N PHE A 36 6.54 -10.37 34.32
CA PHE A 36 5.10 -10.32 34.07
C PHE A 36 4.57 -11.66 33.46
N HIS A 37 3.44 -12.12 33.97
CA HIS A 37 2.82 -13.37 33.48
C HIS A 37 1.75 -13.10 32.43
N SER A 38 2.03 -13.51 31.21
CA SER A 38 1.07 -13.43 30.13
C SER A 38 0.09 -14.61 30.18
N ARG A 39 -1.05 -14.45 29.52
CA ARG A 39 -2.01 -15.54 29.29
C ARG A 39 -1.89 -15.83 27.79
N PRO A 40 -2.01 -17.12 27.40
CA PRO A 40 -1.78 -17.46 25.98
C PRO A 40 -2.73 -16.74 25.00
N ASP A 41 -3.87 -16.24 25.47
CA ASP A 41 -4.79 -15.51 24.59
C ASP A 41 -4.63 -13.98 24.67
N ASP A 42 -3.55 -13.51 25.34
CA ASP A 42 -3.20 -12.09 25.38
C ASP A 42 -2.89 -11.68 23.95
N ILE A 43 -3.29 -10.46 23.57
CA ILE A 43 -2.96 -9.90 22.26
C ILE A 43 -2.11 -8.65 22.50
N VAL A 44 -0.88 -8.65 22.00
CA VAL A 44 0.03 -7.53 22.24
C VAL A 44 -0.05 -6.58 21.06
N ILE A 45 -0.14 -5.31 21.39
CA ILE A 45 0.06 -4.27 20.38
C ILE A 45 1.31 -3.50 20.73
N ALA A 46 2.32 -3.66 19.89
CA ALA A 46 3.69 -3.19 20.15
C ALA A 46 4.06 -2.17 19.07
N THR A 47 4.53 -1.00 19.51
CA THR A 47 4.91 0.09 18.60
C THR A 47 6.04 0.83 19.24
N TYR A 48 6.91 1.41 18.40
CA TYR A 48 7.73 2.53 18.85
C TYR A 48 6.79 3.68 19.21
N PRO A 49 7.15 4.51 20.23
CA PRO A 49 6.18 5.60 20.56
C PRO A 49 5.72 6.47 19.37
N LYS A 50 4.43 6.87 19.40
CA LYS A 50 3.86 7.86 18.49
C LYS A 50 3.58 7.28 17.10
N SER A 51 3.39 5.95 17.06
CA SER A 51 3.28 5.24 15.79
C SER A 51 1.85 4.79 15.52
N GLY A 52 0.91 5.13 16.40
CA GLY A 52 -0.50 4.82 16.13
C GLY A 52 -1.07 3.77 17.03
N THR A 53 -0.40 3.60 18.17
CA THR A 53 -0.79 2.63 19.22
C THR A 53 -2.25 2.77 19.68
N THR A 54 -2.63 4.00 19.95
CA THR A 54 -3.93 4.29 20.51
C THR A 54 -4.99 4.03 19.45
N TRP A 55 -4.75 4.51 18.23
CA TRP A 55 -5.55 4.16 17.05
C TRP A 55 -5.85 2.67 16.94
N VAL A 56 -4.81 1.86 16.89
CA VAL A 56 -4.97 0.44 16.63
C VAL A 56 -5.47 -0.32 17.87
N SER A 57 -5.22 0.21 19.09
CA SER A 57 -5.85 -0.36 20.30
C SER A 57 -7.41 -0.28 20.23
N GLU A 58 -7.94 0.85 19.78
CA GLU A 58 -9.39 0.99 19.62
C GLU A 58 -9.96 0.12 18.51
N ILE A 59 -9.25 0.02 17.38
CA ILE A 59 -9.60 -0.87 16.30
C ILE A 59 -9.70 -2.33 16.80
N ILE A 60 -8.66 -2.80 17.51
CA ILE A 60 -8.63 -4.13 18.09
C ILE A 60 -9.74 -4.36 19.12
N ASP A 61 -9.98 -3.39 20.02
CA ASP A 61 -11.04 -3.51 21.01
C ASP A 61 -12.41 -3.65 20.30
N MET A 62 -12.65 -2.83 19.26
CA MET A 62 -13.82 -3.00 18.39
C MET A 62 -13.94 -4.40 17.77
N ILE A 63 -12.90 -4.86 17.10
CA ILE A 63 -12.90 -6.21 16.54
C ILE A 63 -13.28 -7.26 17.59
N LEU A 64 -12.64 -7.19 18.77
CA LEU A 64 -12.83 -8.22 19.77
C LEU A 64 -14.17 -8.13 20.45
N ASN A 65 -14.81 -6.95 20.33
CA ASN A 65 -16.16 -6.73 20.87
C ASN A 65 -17.23 -6.79 19.80
N ASP A 66 -16.86 -7.34 18.64
CA ASP A 66 -17.71 -7.46 17.42
C ASP A 66 -18.35 -6.14 16.96
N GLY A 67 -17.59 -5.05 17.06
CA GLY A 67 -18.08 -3.78 16.62
C GLY A 67 -19.15 -3.17 17.50
N ASP A 68 -19.35 -3.71 18.70
CA ASP A 68 -20.31 -3.13 19.67
C ASP A 68 -19.71 -1.90 20.38
N ILE A 69 -20.22 -0.72 20.01
CA ILE A 69 -19.64 0.54 20.41
C ILE A 69 -19.84 0.82 21.88
N GLU A 70 -21.03 0.54 22.40
CA GLU A 70 -21.26 0.66 23.83
C GLU A 70 -20.29 -0.23 24.65
N LYS A 71 -19.92 -1.41 24.15
CA LYS A 71 -18.94 -2.22 24.88
C LYS A 71 -17.61 -1.50 24.91
N CYS A 72 -17.26 -0.88 23.78
CA CYS A 72 -16.06 -0.10 23.67
C CYS A 72 -16.07 1.17 24.53
N LYS A 73 -17.19 1.42 25.19
CA LYS A 73 -17.37 2.59 26.05
C LYS A 73 -17.44 2.21 27.54
N ARG A 74 -17.05 0.97 27.85
CA ARG A 74 -17.01 0.41 29.20
C ARG A 74 -15.94 1.03 30.07
N GLY A 75 -14.91 1.64 29.45
CA GLY A 75 -13.95 2.37 30.22
C GLY A 75 -13.01 3.26 29.42
N PHE A 76 -12.12 3.94 30.11
CA PHE A 76 -11.07 4.69 29.40
C PHE A 76 -10.04 3.75 28.75
N ILE A 77 -9.40 4.24 27.70
CA ILE A 77 -8.42 3.46 26.97
C ILE A 77 -7.35 2.87 27.93
N THR A 78 -6.95 3.61 28.97
CA THR A 78 -5.90 3.15 29.88
C THR A 78 -6.36 1.95 30.71
N GLU A 79 -7.68 1.76 30.82
CA GLU A 79 -8.23 0.59 31.45
C GLU A 79 -8.53 -0.53 30.49
N LYS A 80 -9.06 -0.21 29.31
CA LYS A 80 -9.36 -1.25 28.34
C LYS A 80 -8.10 -1.94 27.77
N VAL A 81 -7.09 -1.10 27.45
CA VAL A 81 -5.84 -1.50 26.85
C VAL A 81 -4.60 -0.92 27.60
N PRO A 82 -4.29 -1.50 28.77
CA PRO A 82 -3.17 -1.00 29.58
C PRO A 82 -1.81 -1.06 28.89
N MET A 83 -1.00 -0.04 29.12
CA MET A 83 0.39 -0.01 28.67
C MET A 83 1.15 -0.78 29.73
N LEU A 84 1.66 -1.93 29.33
CA LEU A 84 2.39 -2.83 30.22
C LEU A 84 3.36 -2.15 31.23
N GLU A 85 4.27 -1.32 30.71
CA GLU A 85 5.39 -0.78 31.46
C GLU A 85 5.08 0.56 32.20
N MET A 86 3.82 0.99 32.17
CA MET A 86 3.39 2.25 32.73
C MET A 86 3.24 2.17 34.27
N THR A 87 3.84 3.14 34.96
CA THR A 87 3.79 3.34 36.42
C THR A 87 3.74 4.84 36.70
N LEU A 88 2.82 5.21 37.59
CA LEU A 88 2.67 6.59 38.11
C LEU A 88 2.12 6.40 39.51
N PRO A 89 2.96 5.91 40.45
CA PRO A 89 2.38 5.44 41.72
C PRO A 89 1.72 6.60 42.50
N GLY A 90 0.67 6.29 43.26
CA GLY A 90 -0.15 7.31 43.90
C GLY A 90 -1.06 8.07 42.95
N LEU A 91 -0.66 8.20 41.68
CA LEU A 91 -1.48 8.90 40.69
C LEU A 91 -2.41 7.99 39.86
N ARG A 92 -1.93 6.78 39.53
CA ARG A 92 -2.61 5.84 38.64
C ARG A 92 -2.31 4.40 38.97
N THR A 93 -3.27 3.51 38.71
CA THR A 93 -3.03 2.05 38.80
C THR A 93 -1.91 1.79 37.79
N SER A 94 -0.94 0.97 38.13
CA SER A 94 0.08 0.66 37.13
C SER A 94 -0.56 -0.17 35.99
N GLY A 95 0.08 -0.20 34.81
CA GLY A 95 -0.40 -1.01 33.68
C GLY A 95 -0.55 -2.49 34.05
N ILE A 96 0.45 -3.03 34.74
CA ILE A 96 0.45 -4.45 35.15
C ILE A 96 -0.59 -4.75 36.19
N GLU A 97 -0.85 -3.81 37.10
CA GLU A 97 -1.93 -3.92 38.11
C GLU A 97 -3.28 -3.93 37.44
N GLN A 98 -3.48 -2.98 36.52
CA GLN A 98 -4.65 -3.01 35.66
C GLN A 98 -4.78 -4.32 34.89
N LEU A 99 -3.72 -4.79 34.25
CA LEU A 99 -3.77 -6.04 33.45
C LEU A 99 -4.19 -7.30 34.29
N GLU A 100 -3.69 -7.39 35.53
CA GLU A 100 -4.07 -8.46 36.48
C GLU A 100 -5.56 -8.40 36.94
N LYS A 101 -6.26 -7.32 36.60
CA LYS A 101 -7.68 -7.16 36.94
C LYS A 101 -8.55 -7.32 35.72
N ASN A 102 -7.94 -7.49 34.55
CA ASN A 102 -8.63 -7.43 33.26
C ASN A 102 -9.03 -8.80 32.74
N PRO A 103 -10.25 -8.90 32.17
CA PRO A 103 -10.66 -10.22 31.64
C PRO A 103 -9.95 -10.61 30.34
N SER A 104 -9.70 -11.91 30.17
CA SER A 104 -9.20 -12.47 28.90
C SER A 104 -10.30 -12.49 27.80
N PRO A 105 -9.93 -12.23 26.52
CA PRO A 105 -8.55 -11.99 26.05
C PRO A 105 -8.10 -10.56 26.34
N ARG A 106 -6.88 -10.41 26.87
CA ARG A 106 -6.39 -9.09 27.24
C ARG A 106 -5.67 -8.53 26.03
N ILE A 107 -6.00 -7.31 25.66
CA ILE A 107 -5.15 -6.46 24.81
C ILE A 107 -4.11 -5.75 25.71
N VAL A 108 -2.82 -5.88 25.37
CA VAL A 108 -1.71 -5.25 26.07
C VAL A 108 -0.99 -4.33 25.11
N LYS A 109 -0.86 -3.06 25.47
CA LYS A 109 -0.08 -2.11 24.70
C LYS A 109 1.35 -2.04 25.29
N THR A 110 2.35 -1.93 24.42
CA THR A 110 3.71 -1.73 24.91
C THR A 110 4.51 -0.98 23.84
N HIS A 111 5.55 -0.23 24.26
CA HIS A 111 6.53 0.29 23.31
C HIS A 111 7.88 -0.38 23.49
N LEU A 112 7.90 -1.51 24.19
CA LEU A 112 9.20 -2.11 24.52
C LEU A 112 9.96 -2.69 23.34
N PRO A 113 11.28 -2.52 23.35
CA PRO A 113 12.10 -3.21 22.38
C PRO A 113 11.94 -4.74 22.60
N THR A 114 12.12 -5.50 21.54
CA THR A 114 12.05 -6.96 21.62
C THR A 114 12.79 -7.57 22.78
N ASP A 115 13.96 -7.03 23.14
CA ASP A 115 14.79 -7.63 24.19
C ASP A 115 14.36 -7.20 25.55
N LEU A 116 13.51 -6.18 25.66
CA LEU A 116 12.90 -5.86 26.93
C LEU A 116 11.48 -6.46 27.13
N LEU A 117 10.81 -6.93 26.09
CA LEU A 117 9.46 -7.55 26.25
C LEU A 117 9.59 -8.69 27.25
N PRO A 118 8.66 -8.79 28.21
CA PRO A 118 8.62 -9.97 29.07
C PRO A 118 8.58 -11.25 28.21
N LYS A 119 9.49 -12.19 28.50
CA LYS A 119 9.68 -13.43 27.71
C LYS A 119 8.47 -14.33 27.76
N SER A 120 7.66 -14.20 28.81
CA SER A 120 6.38 -14.89 28.91
C SER A 120 5.53 -14.78 27.63
N PHE A 121 5.60 -13.62 26.96
CA PHE A 121 4.79 -13.37 25.76
C PHE A 121 5.27 -14.22 24.59
N TRP A 122 6.59 -14.34 24.42
CA TRP A 122 7.15 -15.29 23.46
C TRP A 122 6.83 -16.72 23.86
N GLU A 123 6.91 -17.02 25.15
CA GLU A 123 6.76 -18.39 25.68
C GLU A 123 5.33 -18.90 25.57
N ASN A 124 4.34 -18.00 25.73
CA ASN A 124 2.93 -18.34 25.54
C ASN A 124 2.45 -18.23 24.09
N ASN A 125 3.38 -18.03 23.15
CA ASN A 125 3.12 -17.89 21.72
C ASN A 125 2.01 -16.84 21.42
N CYS A 126 2.04 -15.73 22.18
CA CYS A 126 1.04 -14.68 22.08
C CYS A 126 1.04 -14.03 20.68
N LYS A 127 -0.16 -13.87 20.12
CA LYS A 127 -0.37 -13.09 18.93
C LYS A 127 0.00 -11.61 19.22
N MET A 128 0.65 -10.99 18.23
CA MET A 128 1.19 -9.63 18.36
C MET A 128 0.91 -8.85 17.11
N ILE A 129 0.49 -7.59 17.27
CA ILE A 129 0.39 -6.68 16.15
C ILE A 129 1.54 -5.66 16.38
N TYR A 130 2.54 -5.65 15.49
CA TYR A 130 3.60 -4.62 15.53
C TYR A 130 3.28 -3.54 14.51
N LEU A 131 3.12 -2.31 14.96
CA LEU A 131 2.76 -1.24 14.00
C LEU A 131 3.89 -0.22 13.88
N ALA A 132 4.26 0.12 12.65
CA ALA A 132 5.36 1.06 12.50
C ALA A 132 4.93 2.20 11.60
N ARG A 133 5.58 3.33 11.80
CA ARG A 133 5.26 4.57 11.12
C ARG A 133 6.55 5.19 10.63
N ASN A 134 6.51 5.95 9.53
CA ASN A 134 7.79 6.46 9.00
C ASN A 134 8.51 7.32 10.05
N ALA A 135 9.84 7.24 10.07
CA ALA A 135 10.66 7.85 11.08
C ALA A 135 10.53 9.41 11.21
N LYS A 136 10.27 10.08 10.09
CA LYS A 136 10.15 11.52 10.04
C LYS A 136 8.90 12.01 10.76
N ASP A 137 7.73 11.44 10.42
CA ASP A 137 6.51 11.73 11.18
C ASP A 137 6.57 11.36 12.65
N VAL A 138 7.28 10.28 12.96
CA VAL A 138 7.42 9.87 14.39
C VAL A 138 8.20 10.89 15.21
N SER A 139 9.29 11.38 14.63
CA SER A 139 10.16 12.38 15.31
C SER A 139 9.39 13.64 15.62
N VAL A 140 8.58 14.07 14.67
CA VAL A 140 7.71 15.26 14.82
C VAL A 140 6.62 15.05 15.89
N SER A 141 5.93 13.91 15.83
CA SER A 141 4.90 13.55 16.81
C SER A 141 5.47 13.37 18.20
N TYR A 142 6.67 12.76 18.29
CA TYR A 142 7.32 12.52 19.57
C TYR A 142 7.81 13.86 20.17
N TYR A 143 8.35 14.74 19.32
CA TYR A 143 8.69 16.10 19.77
C TYR A 143 7.51 16.81 20.44
N HIS A 144 6.41 16.95 19.72
CA HIS A 144 5.24 17.58 20.35
C HIS A 144 4.67 16.87 21.56
N PHE A 145 4.76 15.56 21.57
CA PHE A 145 4.38 14.76 22.74
C PHE A 145 5.17 15.19 24.01
N ASP A 146 6.48 15.36 23.88
CA ASP A 146 7.34 15.77 25.01
C ASP A 146 6.98 17.18 25.46
N LEU A 147 6.43 17.99 24.55
CA LEU A 147 5.92 19.33 24.97
C LEU A 147 4.78 19.24 25.96
N MET A 148 3.87 18.30 25.72
CA MET A 148 2.63 18.19 26.54
C MET A 148 2.69 17.18 27.71
N ASN A 149 3.56 16.18 27.59
CA ASN A 149 3.69 15.11 28.58
C ASN A 149 4.82 15.47 29.52
N ASN A 150 4.46 15.68 30.77
CA ASN A 150 5.35 16.27 31.77
C ASN A 150 6.17 15.20 32.42
N LEU A 151 5.98 13.93 32.02
CA LEU A 151 6.81 12.82 32.53
C LEU A 151 8.11 12.75 31.73
N GLN A 152 8.12 13.43 30.59
CA GLN A 152 9.23 13.40 29.69
C GLN A 152 10.20 14.53 30.04
N PRO A 153 11.50 14.38 29.70
CA PRO A 153 12.33 15.59 29.77
C PRO A 153 11.85 16.69 28.82
N PHE A 154 12.10 17.95 29.16
CA PHE A 154 11.85 19.02 28.19
C PHE A 154 12.67 18.81 26.88
N PRO A 155 11.99 18.91 25.71
CA PRO A 155 12.66 18.52 24.49
C PRO A 155 13.58 19.57 23.87
N GLY A 156 13.47 20.83 24.29
CA GLY A 156 14.33 21.87 23.78
C GLY A 156 13.76 22.37 22.48
N THR A 157 14.63 22.88 21.62
CA THR A 157 14.14 23.32 20.32
C THR A 157 14.00 22.10 19.43
N TRP A 158 13.18 22.23 18.38
CA TRP A 158 13.03 21.18 17.38
C TRP A 158 14.39 20.75 16.87
N GLU A 159 15.25 21.72 16.56
CA GLU A 159 16.60 21.42 16.07
C GLU A 159 17.40 20.56 17.09
N GLU A 160 17.29 20.90 18.38
CA GLU A 160 18.02 20.13 19.41
C GLU A 160 17.36 18.74 19.56
N TYR A 161 16.05 18.72 19.60
CA TYR A 161 15.32 17.46 19.66
C TYR A 161 15.64 16.50 18.50
N LEU A 162 15.60 16.97 17.25
CA LEU A 162 15.84 16.03 16.13
C LEU A 162 17.22 15.34 16.24
N GLU A 163 18.20 16.05 16.77
CA GLU A 163 19.52 15.46 16.97
C GLU A 163 19.50 14.34 18.04
N LYS A 164 18.76 14.53 19.14
CA LYS A 164 18.59 13.43 20.09
C LYS A 164 17.87 12.24 19.44
N PHE A 165 16.80 12.51 18.68
CA PHE A 165 16.04 11.44 18.04
C PHE A 165 16.97 10.59 17.09
N LEU A 166 17.77 11.28 16.27
CA LEU A 166 18.65 10.59 15.31
C LEU A 166 19.69 9.71 15.94
N THR A 167 20.13 10.06 17.15
CA THR A 167 21.13 9.28 17.88
C THR A 167 20.52 8.36 18.94
N GLY A 168 19.19 8.32 19.04
CA GLY A 168 18.50 7.33 19.87
C GLY A 168 18.52 7.72 21.33
N LYS A 169 18.77 9.00 21.60
CA LYS A 169 18.83 9.56 22.96
C LYS A 169 17.44 10.06 23.37
N VAL A 170 16.48 9.14 23.23
CA VAL A 170 15.11 9.38 23.55
C VAL A 170 14.53 8.14 24.25
N ALA A 171 13.45 8.32 25.01
CA ALA A 171 12.79 7.17 25.66
C ALA A 171 12.47 6.07 24.64
N TYR A 172 12.83 4.84 25.02
CA TYR A 172 12.82 3.61 24.22
C TYR A 172 13.95 3.47 23.20
N GLY A 173 14.83 4.46 23.19
CA GLY A 173 16.04 4.45 22.36
C GLY A 173 15.76 4.61 20.87
N SER A 174 16.63 4.04 20.07
CA SER A 174 16.59 4.23 18.61
C SER A 174 15.41 3.63 17.89
N TRP A 175 14.72 4.43 17.08
CA TRP A 175 13.64 3.98 16.18
C TRP A 175 14.14 2.92 15.18
N PHE A 176 15.37 3.09 14.69
CA PHE A 176 15.95 2.18 13.65
C PHE A 176 16.07 0.76 14.20
N THR A 177 16.72 0.63 15.36
CA THR A 177 16.89 -0.60 16.11
C THR A 177 15.54 -1.23 16.55
N HIS A 178 14.63 -0.41 17.03
CA HIS A 178 13.29 -0.86 17.45
C HIS A 178 12.58 -1.53 16.28
N VAL A 179 12.49 -0.79 15.16
CA VAL A 179 11.81 -1.28 14.00
C VAL A 179 12.53 -2.51 13.40
N LYS A 180 13.85 -2.41 13.21
CA LYS A 180 14.60 -3.52 12.62
C LYS A 180 14.53 -4.82 13.43
N ASN A 181 14.70 -4.69 14.76
CA ASN A 181 14.65 -5.89 15.64
C ASN A 181 13.27 -6.50 15.78
N TRP A 182 12.21 -5.68 15.77
CA TRP A 182 10.84 -6.21 15.74
C TRP A 182 10.52 -6.93 14.42
N TRP A 183 10.91 -6.35 13.30
CA TRP A 183 10.78 -6.96 11.98
C TRP A 183 11.42 -8.37 11.88
N LYS A 184 12.68 -8.51 12.31
CA LYS A 184 13.38 -9.79 12.45
C LYS A 184 12.62 -10.88 13.26
N ARG A 185 11.88 -10.49 14.31
CA ARG A 185 11.10 -11.44 15.13
C ARG A 185 9.94 -12.06 14.40
N LYS A 186 9.54 -11.42 13.30
CA LYS A 186 8.32 -11.74 12.55
C LYS A 186 8.36 -13.13 11.92
N GLU A 187 9.59 -13.60 11.69
CA GLU A 187 9.83 -14.91 11.08
C GLU A 187 9.61 -16.08 12.03
N GLU A 188 9.91 -15.88 13.32
CA GLU A 188 9.74 -16.97 14.28
C GLU A 188 8.64 -16.78 15.35
N HIS A 189 7.75 -15.78 15.18
CA HIS A 189 6.62 -15.58 16.09
C HIS A 189 5.38 -15.17 15.28
N PRO A 190 4.16 -15.35 15.85
CA PRO A 190 2.97 -14.85 15.19
C PRO A 190 2.77 -13.33 15.38
N ILE A 191 3.34 -12.57 14.47
CA ILE A 191 3.33 -11.10 14.51
C ILE A 191 2.78 -10.60 13.15
N LEU A 192 1.72 -9.81 13.22
CA LEU A 192 1.21 -9.03 12.10
C LEU A 192 1.91 -7.65 12.09
N PHE A 193 2.70 -7.39 11.05
CA PHE A 193 3.47 -6.15 10.93
C PHE A 193 2.72 -5.21 10.03
N LEU A 194 2.23 -4.11 10.61
CA LEU A 194 1.49 -3.09 9.85
C LEU A 194 2.23 -1.74 9.76
N TYR A 195 1.86 -0.96 8.73
CA TYR A 195 2.32 0.45 8.58
C TYR A 195 1.22 1.44 8.81
N TYR A 196 1.54 2.50 9.57
CA TYR A 196 0.60 3.58 9.88
C TYR A 196 0.07 4.21 8.60
N GLU A 197 0.94 4.42 7.63
CA GLU A 197 0.54 5.10 6.36
C GLU A 197 -0.50 4.29 5.56
N ASP A 198 -0.39 2.96 5.59
CA ASP A 198 -1.35 2.07 4.97
C ASP A 198 -2.70 2.17 5.63
N MET A 199 -2.71 2.25 6.95
CA MET A 199 -3.95 2.43 7.70
C MET A 199 -4.62 3.77 7.37
N LYS A 200 -3.80 4.80 7.16
CA LYS A 200 -4.30 6.08 6.81
C LYS A 200 -4.87 6.10 5.39
N GLU A 201 -4.19 5.43 4.46
CA GLU A 201 -4.64 5.41 3.09
C GLU A 201 -5.82 4.49 2.84
N ASN A 202 -5.76 3.28 3.41
CA ASN A 202 -6.81 2.29 3.21
C ASN A 202 -7.18 1.58 4.54
N PRO A 203 -7.94 2.24 5.43
CA PRO A 203 -8.24 1.55 6.71
C PRO A 203 -9.03 0.25 6.54
N LYS A 204 -9.91 0.18 5.54
CA LYS A 204 -10.72 -1.06 5.35
C LYS A 204 -9.82 -2.27 5.10
N GLU A 205 -8.87 -2.16 4.17
CA GLU A 205 -8.01 -3.32 3.87
C GLU A 205 -7.07 -3.67 5.01
N GLU A 206 -6.56 -2.64 5.71
CA GLU A 206 -5.73 -2.87 6.88
C GLU A 206 -6.51 -3.49 8.06
N ILE A 207 -7.69 -2.95 8.36
CA ILE A 207 -8.60 -3.59 9.34
C ILE A 207 -8.96 -5.03 9.00
N LYS A 208 -9.21 -5.33 7.72
CA LYS A 208 -9.43 -6.75 7.32
C LYS A 208 -8.24 -7.66 7.62
N LYS A 209 -7.00 -7.18 7.45
CA LYS A 209 -5.80 -7.95 7.87
C LYS A 209 -5.83 -8.25 9.37
N ILE A 210 -6.19 -7.28 10.19
CA ILE A 210 -6.30 -7.51 11.63
C ILE A 210 -7.41 -8.54 11.96
N ILE A 211 -8.56 -8.37 11.33
CA ILE A 211 -9.69 -9.32 11.48
C ILE A 211 -9.28 -10.78 11.17
N ARG A 212 -8.67 -11.00 9.99
CA ARG A 212 -8.16 -12.34 9.63
C ARG A 212 -7.10 -12.87 10.60
N PHE A 213 -6.12 -12.03 10.93
CA PHE A 213 -5.07 -12.39 11.92
C PHE A 213 -5.67 -12.85 13.24
N LEU A 214 -6.74 -12.18 13.66
CA LEU A 214 -7.39 -12.47 14.94
C LEU A 214 -8.46 -13.59 14.86
N GLU A 215 -8.54 -14.22 13.70
CA GLU A 215 -9.50 -15.31 13.42
C GLU A 215 -10.95 -14.93 13.71
N LYS A 216 -11.34 -13.75 13.25
CA LYS A 216 -12.71 -13.27 13.35
C LYS A 216 -13.27 -13.12 11.94
N ASN A 217 -14.60 -13.16 11.81
CA ASN A 217 -15.25 -12.81 10.55
C ASN A 217 -16.28 -11.77 10.91
N LEU A 218 -16.11 -10.58 10.38
CA LEU A 218 -17.08 -9.52 10.64
C LEU A 218 -17.56 -9.02 9.30
N ASN A 219 -18.88 -8.82 9.17
CA ASN A 219 -19.47 -8.42 7.89
C ASN A 219 -19.17 -6.96 7.54
N ASP A 220 -19.59 -6.53 6.35
CA ASP A 220 -19.22 -5.21 5.83
C ASP A 220 -19.80 -4.00 6.58
N GLU A 221 -20.93 -4.21 7.23
CA GLU A 221 -21.60 -3.19 8.00
C GLU A 221 -20.80 -2.92 9.31
N ILE A 222 -20.36 -3.98 9.98
CA ILE A 222 -19.56 -3.87 11.17
C ILE A 222 -18.22 -3.22 10.85
N LEU A 223 -17.61 -3.61 9.74
CA LEU A 223 -16.36 -3.04 9.27
C LEU A 223 -16.46 -1.54 9.03
N ASP A 224 -17.52 -1.12 8.33
CA ASP A 224 -17.79 0.29 8.08
C ASP A 224 -17.91 1.08 9.38
N ARG A 225 -18.62 0.50 10.36
CA ARG A 225 -18.73 1.09 11.68
C ARG A 225 -17.37 1.23 12.39
N ILE A 226 -16.52 0.20 12.27
CA ILE A 226 -15.15 0.26 12.87
C ILE A 226 -14.37 1.38 12.19
N ILE A 227 -14.44 1.45 10.87
CA ILE A 227 -13.73 2.47 10.14
C ILE A 227 -14.16 3.85 10.62
N HIS A 228 -15.48 4.05 10.79
CA HIS A 228 -16.00 5.32 11.18
C HIS A 228 -15.65 5.72 12.65
N HIS A 229 -15.86 4.79 13.58
CA HIS A 229 -15.55 4.95 14.98
C HIS A 229 -14.05 5.25 15.27
N THR A 230 -13.15 4.71 14.44
CA THR A 230 -11.70 4.84 14.68
C THR A 230 -11.01 5.88 13.75
N SER A 231 -11.83 6.66 13.03
CA SER A 231 -11.29 7.74 12.22
C SER A 231 -10.78 8.82 13.16
N PHE A 232 -9.83 9.61 12.67
CA PHE A 232 -9.17 10.64 13.47
C PHE A 232 -10.20 11.60 14.01
N GLU A 233 -11.09 12.08 13.13
CA GLU A 233 -12.04 13.11 13.54
C GLU A 233 -12.92 12.62 14.65
N VAL A 234 -13.29 11.34 14.59
CA VAL A 234 -14.15 10.76 15.64
C VAL A 234 -13.35 10.56 16.93
N MET A 235 -12.24 9.84 16.83
CA MET A 235 -11.41 9.54 17.99
C MET A 235 -10.92 10.80 18.73
N LYS A 236 -10.62 11.85 17.99
CA LYS A 236 -10.12 13.10 18.61
C LYS A 236 -11.13 13.74 19.59
N ASP A 237 -12.42 13.61 19.27
CA ASP A 237 -13.48 14.07 20.14
C ASP A 237 -13.99 13.03 21.16
N ASN A 238 -13.49 11.80 21.12
CA ASN A 238 -13.91 10.73 22.01
C ASN A 238 -13.15 10.77 23.34
N PRO A 239 -13.84 11.15 24.44
CA PRO A 239 -13.09 11.41 25.66
C PRO A 239 -12.55 10.19 26.37
N LEU A 240 -12.90 8.98 25.89
CA LEU A 240 -12.33 7.74 26.42
C LEU A 240 -11.01 7.41 25.78
N VAL A 241 -10.70 8.01 24.64
CA VAL A 241 -9.45 7.66 23.96
C VAL A 241 -8.48 8.82 23.66
N ASN A 242 -8.94 10.08 23.76
CA ASN A 242 -8.08 11.22 23.36
C ASN A 242 -7.11 11.70 24.46
N TYR A 243 -7.02 10.93 25.55
CA TYR A 243 -6.13 11.15 26.70
C TYR A 243 -6.38 12.43 27.56
N THR A 244 -7.53 13.08 27.40
CA THR A 244 -7.90 14.22 28.26
C THR A 244 -8.36 13.78 29.65
N HIS A 245 -8.54 12.49 29.85
CA HIS A 245 -8.83 11.94 31.19
C HIS A 245 -7.63 11.88 32.12
N LEU A 246 -6.42 12.11 31.61
CA LEU A 246 -5.23 12.08 32.45
C LEU A 246 -5.02 13.40 33.24
N PRO A 247 -4.43 13.31 34.47
CA PRO A 247 -4.14 14.50 35.27
C PRO A 247 -3.39 15.53 34.42
N THR A 248 -3.62 16.80 34.64
CA THR A 248 -2.87 17.79 33.87
C THR A 248 -1.39 17.81 34.21
N THR A 249 -1.06 17.28 35.38
CA THR A 249 0.30 17.09 35.75
C THR A 249 1.03 15.99 34.95
N VAL A 250 0.28 15.12 34.28
CA VAL A 250 0.87 14.10 33.40
C VAL A 250 0.89 14.66 31.95
N MET A 251 -0.27 15.15 31.48
CA MET A 251 -0.42 15.61 30.10
C MET A 251 -1.13 16.93 30.09
N ASP A 252 -0.46 17.95 29.57
CA ASP A 252 -1.07 19.26 29.47
C ASP A 252 -1.34 19.53 27.98
N HIS A 253 -2.59 19.25 27.59
CA HIS A 253 -3.00 19.38 26.16
C HIS A 253 -3.00 20.84 25.61
N SER A 254 -2.82 21.81 26.50
CA SER A 254 -2.68 23.20 26.09
C SER A 254 -1.38 23.43 25.32
N LYS A 255 -0.38 22.58 25.57
CA LYS A 255 0.94 22.66 24.92
C LYS A 255 0.93 21.93 23.55
N SER A 256 0.31 20.75 23.52
CA SER A 256 0.08 20.01 22.28
C SER A 256 -1.02 19.02 22.57
N PRO A 257 -2.08 18.98 21.73
CA PRO A 257 -3.11 17.94 21.91
C PRO A 257 -2.53 16.53 21.70
N PHE A 258 -2.98 15.55 22.47
CA PHE A 258 -2.53 14.18 22.18
C PHE A 258 -2.91 13.73 20.73
N MET A 259 -4.18 13.88 20.38
CA MET A 259 -4.66 13.72 19.01
C MET A 259 -4.31 15.00 18.21
N ARG A 260 -3.12 15.05 17.63
CA ARG A 260 -2.55 16.34 17.16
C ARG A 260 -2.94 16.71 15.72
N LYS A 261 -2.59 15.87 14.77
CA LYS A 261 -2.83 16.10 13.35
C LYS A 261 -3.34 14.82 12.73
N GLY A 262 -2.77 13.70 13.13
CA GLY A 262 -3.23 12.39 12.65
C GLY A 262 -3.04 12.14 11.17
N THR A 263 -1.93 12.63 10.64
CA THR A 263 -1.65 12.63 9.21
C THR A 263 -0.28 12.02 8.87
N ALA A 264 -0.09 11.65 7.61
CA ALA A 264 1.21 11.31 7.07
C ALA A 264 1.71 12.52 6.29
N GLY A 265 2.95 12.88 6.56
CA GLY A 265 3.58 13.94 5.76
C GLY A 265 3.69 15.24 6.51
N ASP A 266 3.19 15.26 7.76
CA ASP A 266 3.26 16.46 8.58
C ASP A 266 4.70 16.86 8.92
N TRP A 267 5.63 15.91 8.79
CA TRP A 267 7.05 16.17 9.12
C TRP A 267 7.62 17.29 8.21
N LYS A 268 7.05 17.46 7.01
CA LYS A 268 7.60 18.43 6.05
C LYS A 268 7.41 19.91 6.54
N ASN A 269 6.47 20.12 7.46
CA ASN A 269 6.25 21.44 8.05
C ASN A 269 7.32 21.84 9.03
N TYR A 270 8.18 20.87 9.38
CA TYR A 270 9.13 21.05 10.47
C TYR A 270 10.57 20.87 10.06
N PHE A 271 10.85 19.85 9.23
CA PHE A 271 12.20 19.55 8.80
C PHE A 271 12.69 20.68 7.89
N THR A 272 13.90 21.17 8.15
CA THR A 272 14.54 22.01 7.16
C THR A 272 15.10 21.10 6.07
N VAL A 273 15.40 21.63 4.90
CA VAL A 273 16.08 20.83 3.86
C VAL A 273 17.46 20.30 4.34
N ALA A 274 18.19 21.09 5.14
CA ALA A 274 19.46 20.58 5.71
C ALA A 274 19.25 19.42 6.70
N GLN A 275 18.27 19.57 7.59
CA GLN A 275 17.91 18.47 8.48
C GLN A 275 17.52 17.24 7.68
N ASN A 276 16.73 17.46 6.64
CA ASN A 276 16.26 16.38 5.80
C ASN A 276 17.39 15.61 5.11
N GLU A 277 18.39 16.34 4.60
CA GLU A 277 19.53 15.69 3.93
C GLU A 277 20.32 14.84 4.89
N LYS A 278 20.54 15.37 6.09
CA LYS A 278 21.27 14.68 7.12
C LYS A 278 20.50 13.42 7.58
N PHE A 279 19.21 13.60 7.84
CA PHE A 279 18.35 12.54 8.24
C PHE A 279 18.37 11.41 7.17
N ASP A 280 18.18 11.75 5.90
CA ASP A 280 18.17 10.74 4.80
C ASP A 280 19.46 9.96 4.75
N ALA A 281 20.59 10.65 4.99
CA ALA A 281 21.89 9.99 4.95
C ALA A 281 22.04 8.91 6.04
N ILE A 282 21.68 9.25 7.29
CA ILE A 282 21.65 8.29 8.40
C ILE A 282 20.66 7.15 8.19
N TYR A 283 19.46 7.50 7.76
CA TYR A 283 18.43 6.53 7.44
C TYR A 283 18.92 5.48 6.44
N GLU A 284 19.57 5.89 5.36
CA GLU A 284 20.02 4.94 4.32
C GLU A 284 21.05 4.00 4.94
N THR A 285 21.99 4.56 5.70
CA THR A 285 22.95 3.77 6.45
C THR A 285 22.28 2.70 7.36
N GLU A 286 21.28 3.10 8.13
CA GLU A 286 20.59 2.22 9.08
C GLU A 286 19.67 1.19 8.38
N MET A 287 19.05 1.57 7.25
CA MET A 287 17.88 0.82 6.73
C MET A 287 17.99 0.21 5.33
N SER A 288 19.00 0.54 4.56
CA SER A 288 19.02 0.17 3.12
C SER A 288 18.98 -1.34 2.93
N LYS A 289 19.68 -2.05 3.81
CA LYS A 289 19.80 -3.52 3.77
C LYS A 289 18.59 -4.31 4.30
N THR A 290 17.65 -3.63 4.94
CA THR A 290 16.45 -4.30 5.46
C THR A 290 15.35 -4.36 4.38
N ALA A 291 14.33 -5.17 4.62
CA ALA A 291 13.23 -5.30 3.72
C ALA A 291 12.09 -4.35 4.07
N LEU A 292 12.33 -3.46 5.02
CA LEU A 292 11.37 -2.44 5.36
C LEU A 292 11.34 -1.38 4.24
N GLN A 293 10.10 -0.94 3.90
CA GLN A 293 9.87 0.06 2.84
C GLN A 293 8.85 1.10 3.28
N PHE A 294 9.30 2.13 3.97
CA PHE A 294 8.39 3.15 4.48
C PHE A 294 8.11 4.17 3.39
N ARG A 295 6.89 4.69 3.45
CA ARG A 295 6.39 5.86 2.74
C ARG A 295 6.39 7.04 3.73
N THR A 296 6.87 8.23 3.31
CA THR A 296 6.85 9.44 4.18
C THR A 296 5.70 10.43 3.88
N GLU A 297 4.88 10.06 2.89
CA GLU A 297 3.65 10.80 2.60
C GLU A 297 2.75 9.83 1.83
N ILE A 298 1.45 10.14 1.71
CA ILE A 298 0.56 9.26 0.93
C ILE A 298 -0.10 10.01 -0.23
N PRO B 6 -6.04 -17.89 -40.52
CA PRO B 6 -5.48 -16.60 -40.14
C PRO B 6 -6.10 -15.45 -40.92
N LYS B 7 -6.22 -15.59 -42.23
CA LYS B 7 -6.90 -14.59 -43.06
C LYS B 7 -8.30 -14.25 -42.51
N ASP B 8 -8.84 -15.11 -41.65
CA ASP B 8 -10.16 -14.92 -41.08
C ASP B 8 -10.25 -13.86 -39.99
N ILE B 9 -9.14 -13.65 -39.27
CA ILE B 9 -9.11 -12.73 -38.12
C ILE B 9 -8.21 -11.46 -38.30
N LEU B 10 -7.56 -11.34 -39.45
CA LEU B 10 -6.58 -10.30 -39.66
C LEU B 10 -7.23 -9.06 -40.27
N ARG B 11 -6.97 -7.90 -39.66
CA ARG B 11 -7.50 -6.59 -40.08
C ARG B 11 -9.04 -6.53 -40.18
N LYS B 12 -9.73 -7.26 -39.32
CA LYS B 12 -11.19 -7.34 -39.37
C LYS B 12 -11.81 -6.22 -38.52
N ASP B 13 -13.08 -5.90 -38.80
CA ASP B 13 -13.79 -4.91 -37.98
C ASP B 13 -13.95 -5.48 -36.58
N LEU B 14 -14.11 -4.56 -35.63
CA LEU B 14 -14.41 -4.87 -34.25
C LEU B 14 -15.78 -5.52 -34.19
N LYS B 15 -15.98 -6.40 -33.23
CA LYS B 15 -17.30 -7.04 -32.98
C LYS B 15 -17.74 -6.57 -31.60
N LEU B 16 -19.03 -6.33 -31.41
CA LEU B 16 -19.59 -5.90 -30.11
C LEU B 16 -19.82 -7.09 -29.17
N VAL B 17 -19.25 -7.02 -27.97
CA VAL B 17 -19.46 -8.04 -26.93
C VAL B 17 -19.92 -7.26 -25.69
N HIS B 18 -21.16 -7.49 -25.22
CA HIS B 18 -21.70 -6.76 -24.07
C HIS B 18 -21.69 -5.24 -24.25
N GLY B 19 -21.90 -4.83 -25.48
CA GLY B 19 -21.92 -3.41 -25.83
C GLY B 19 -20.55 -2.77 -25.90
N TYR B 20 -19.49 -3.59 -25.82
CA TYR B 20 -18.10 -3.15 -26.03
C TYR B 20 -17.56 -3.57 -27.39
N PRO B 21 -17.03 -2.62 -28.17
CA PRO B 21 -16.24 -3.00 -29.36
C PRO B 21 -15.04 -3.80 -28.89
N MET B 22 -14.79 -4.92 -29.56
CA MET B 22 -13.73 -5.89 -29.22
C MET B 22 -13.01 -6.43 -30.44
N THR B 23 -11.68 -6.49 -30.38
CA THR B 23 -10.86 -7.13 -31.41
C THR B 23 -11.62 -8.40 -31.85
N CYS B 24 -11.78 -8.55 -33.16
CA CYS B 24 -12.51 -9.69 -33.74
C CYS B 24 -11.97 -11.06 -33.30
N ALA B 25 -10.63 -11.19 -33.26
CA ALA B 25 -9.93 -12.40 -32.81
C ALA B 25 -10.38 -12.78 -31.41
N PHE B 26 -10.52 -11.80 -30.51
CA PHE B 26 -10.91 -12.08 -29.11
C PHE B 26 -12.43 -12.22 -28.86
N ALA B 27 -13.22 -11.82 -29.84
CA ALA B 27 -14.66 -11.71 -29.68
C ALA B 27 -15.41 -13.06 -29.57
N SER B 28 -14.67 -14.15 -29.81
CA SER B 28 -15.19 -15.54 -29.71
C SER B 28 -14.99 -16.31 -28.38
N ASN B 29 -15.80 -17.36 -28.23
CA ASN B 29 -15.75 -18.25 -27.06
C ASN B 29 -15.75 -17.52 -25.69
N TRP B 30 -16.49 -16.40 -25.62
CA TRP B 30 -16.56 -15.57 -24.41
C TRP B 30 -17.02 -16.35 -23.19
N GLU B 31 -17.78 -17.40 -23.45
CA GLU B 31 -18.23 -18.34 -22.43
C GLU B 31 -17.05 -18.83 -21.65
N LYS B 32 -15.97 -19.13 -22.38
CA LYS B 32 -14.71 -19.61 -21.78
C LYS B 32 -14.13 -18.63 -20.76
N ILE B 33 -14.21 -17.34 -21.09
CA ILE B 33 -13.68 -16.26 -20.28
C ILE B 33 -14.56 -16.07 -19.09
N GLU B 34 -15.87 -16.00 -19.35
CA GLU B 34 -16.87 -15.79 -18.30
C GLU B 34 -16.75 -16.82 -17.17
N GLN B 35 -16.50 -18.05 -17.54
CA GLN B 35 -16.42 -19.16 -16.60
C GLN B 35 -14.99 -19.48 -16.08
N PHE B 36 -13.99 -18.64 -16.36
CA PHE B 36 -12.61 -18.90 -15.91
C PHE B 36 -12.51 -19.11 -14.38
N HIS B 37 -11.77 -20.15 -13.95
CA HIS B 37 -11.51 -20.41 -12.54
C HIS B 37 -10.26 -19.69 -12.01
N SER B 38 -10.47 -18.70 -11.14
CA SER B 38 -9.40 -18.02 -10.46
C SER B 38 -8.87 -18.82 -9.29
N ARG B 39 -7.69 -18.45 -8.82
CA ARG B 39 -7.14 -19.01 -7.61
C ARG B 39 -7.00 -17.85 -6.66
N PRO B 40 -7.14 -18.10 -5.34
CA PRO B 40 -7.05 -17.01 -4.35
C PRO B 40 -5.80 -16.13 -4.43
N ASP B 41 -4.65 -16.71 -4.82
CA ASP B 41 -3.39 -15.95 -5.02
C ASP B 41 -3.07 -15.49 -6.43
N ASP B 42 -4.02 -15.53 -7.36
CA ASP B 42 -3.80 -14.92 -8.69
C ASP B 42 -3.64 -13.41 -8.47
N ILE B 43 -2.78 -12.81 -9.28
CA ILE B 43 -2.56 -11.36 -9.24
C ILE B 43 -3.04 -10.80 -10.57
N VAL B 44 -4.09 -9.97 -10.53
CA VAL B 44 -4.63 -9.37 -11.75
C VAL B 44 -3.95 -8.02 -12.02
N ILE B 45 -3.38 -7.90 -13.20
CA ILE B 45 -2.97 -6.58 -13.66
C ILE B 45 -3.98 -6.15 -14.74
N ALA B 46 -4.77 -5.13 -14.45
CA ALA B 46 -5.86 -4.68 -15.30
C ALA B 46 -5.56 -3.25 -15.74
N THR B 47 -5.76 -2.97 -17.03
CA THR B 47 -5.47 -1.63 -17.56
C THR B 47 -6.36 -1.43 -18.78
N TYR B 48 -6.63 -0.16 -19.13
CA TYR B 48 -7.08 0.17 -20.47
C TYR B 48 -5.87 -0.04 -21.42
N PRO B 49 -6.11 -0.50 -22.65
CA PRO B 49 -4.97 -0.73 -23.58
C PRO B 49 -3.98 0.43 -23.64
N LYS B 50 -2.70 0.09 -23.72
CA LYS B 50 -1.65 1.08 -23.94
C LYS B 50 -1.31 1.91 -22.69
N SER B 51 -1.66 1.39 -21.51
CA SER B 51 -1.43 2.17 -20.27
C SER B 51 -0.19 1.78 -19.44
N GLY B 52 0.65 0.87 -19.97
CA GLY B 52 1.85 0.33 -19.24
C GLY B 52 1.70 -1.11 -18.68
N THR B 53 0.79 -1.87 -19.26
CA THR B 53 0.61 -3.27 -18.91
C THR B 53 1.87 -4.11 -18.87
N THR B 54 2.64 -4.08 -19.94
CA THR B 54 3.82 -4.93 -20.08
C THR B 54 4.90 -4.51 -19.08
N TRP B 55 5.03 -3.20 -18.91
CA TRP B 55 5.94 -2.59 -17.93
C TRP B 55 5.69 -3.15 -16.54
N VAL B 56 4.48 -2.92 -16.06
CA VAL B 56 4.07 -3.35 -14.75
C VAL B 56 4.02 -4.88 -14.57
N SER B 57 3.74 -5.63 -15.66
CA SER B 57 3.87 -7.11 -15.67
C SER B 57 5.31 -7.57 -15.33
N GLU B 58 6.31 -6.92 -15.95
CA GLU B 58 7.70 -7.31 -15.72
C GLU B 58 8.12 -6.94 -14.29
N ILE B 59 7.64 -5.80 -13.81
CA ILE B 59 7.91 -5.36 -12.44
C ILE B 59 7.37 -6.42 -11.41
N ILE B 60 6.13 -6.84 -11.60
CA ILE B 60 5.48 -7.80 -10.73
C ILE B 60 6.12 -9.16 -10.84
N ASP B 61 6.45 -9.60 -12.05
CA ASP B 61 7.20 -10.81 -12.19
C ASP B 61 8.52 -10.79 -11.38
N MET B 62 9.25 -9.68 -11.46
CA MET B 62 10.49 -9.51 -10.71
C MET B 62 10.27 -9.53 -9.20
N ILE B 63 9.22 -8.84 -8.76
CA ILE B 63 8.87 -8.80 -7.35
C ILE B 63 8.59 -10.20 -6.80
N LEU B 64 7.76 -10.96 -7.55
CA LEU B 64 7.35 -12.31 -7.15
C LEU B 64 8.52 -13.31 -7.15
N ASN B 65 9.52 -13.04 -7.97
CA ASN B 65 10.72 -13.84 -8.05
C ASN B 65 11.88 -13.27 -7.25
N ASP B 66 11.58 -12.35 -6.32
CA ASP B 66 12.55 -11.78 -5.37
C ASP B 66 13.73 -11.11 -6.10
N GLY B 67 13.46 -10.53 -7.26
CA GLY B 67 14.48 -9.81 -8.01
C GLY B 67 15.45 -10.66 -8.82
N ASP B 68 15.13 -11.94 -9.00
CA ASP B 68 15.98 -12.88 -9.74
C ASP B 68 15.72 -12.80 -11.25
N ILE B 69 16.65 -12.16 -11.97
CA ILE B 69 16.51 -11.83 -13.37
C ILE B 69 16.49 -13.08 -14.22
N GLU B 70 17.32 -14.05 -13.85
CA GLU B 70 17.30 -15.34 -14.51
C GLU B 70 15.95 -16.05 -14.45
N LYS B 71 15.27 -15.99 -13.30
CA LYS B 71 13.94 -16.59 -13.18
C LYS B 71 12.99 -15.79 -14.11
N CYS B 72 13.24 -14.48 -14.21
CA CYS B 72 12.47 -13.60 -15.09
C CYS B 72 12.71 -13.88 -16.57
N LYS B 73 13.69 -14.74 -16.84
CA LYS B 73 14.03 -15.17 -18.19
C LYS B 73 13.56 -16.60 -18.53
N ARG B 74 12.69 -17.17 -17.69
CA ARG B 74 12.17 -18.51 -17.96
C ARG B 74 11.30 -18.59 -19.22
N GLY B 75 10.77 -17.47 -19.69
CA GLY B 75 9.92 -17.54 -20.90
C GLY B 75 9.58 -16.17 -21.41
N PHE B 76 8.88 -16.10 -22.53
CA PHE B 76 8.45 -14.82 -23.11
C PHE B 76 7.32 -14.29 -22.28
N ILE B 77 7.11 -12.98 -22.31
CA ILE B 77 6.08 -12.34 -21.51
C ILE B 77 4.68 -12.95 -21.68
N THR B 78 4.38 -13.47 -22.89
CA THR B 78 3.04 -14.00 -23.16
C THR B 78 2.80 -15.30 -22.40
N GLU B 79 3.89 -15.96 -22.03
CA GLU B 79 3.75 -17.19 -21.23
C GLU B 79 3.81 -16.88 -19.72
N LYS B 80 4.71 -15.96 -19.35
CA LYS B 80 4.89 -15.53 -17.96
C LYS B 80 3.65 -14.83 -17.44
N VAL B 81 3.09 -13.94 -18.27
CA VAL B 81 1.97 -13.10 -17.84
C VAL B 81 0.96 -13.01 -18.97
N PRO B 82 0.13 -14.08 -19.09
CA PRO B 82 -0.78 -14.19 -20.19
C PRO B 82 -1.94 -13.22 -20.10
N MET B 83 -2.40 -12.80 -21.27
CA MET B 83 -3.59 -11.97 -21.41
C MET B 83 -4.79 -12.88 -21.41
N LEU B 84 -5.56 -12.78 -20.32
CA LEU B 84 -6.77 -13.52 -20.11
C LEU B 84 -7.70 -13.74 -21.32
N GLU B 85 -8.02 -12.67 -22.03
CA GLU B 85 -9.07 -12.70 -23.03
C GLU B 85 -8.46 -12.91 -24.44
N MET B 86 -7.13 -13.05 -24.52
CA MET B 86 -6.49 -13.32 -25.80
C MET B 86 -6.79 -14.74 -26.36
N THR B 87 -7.03 -14.77 -27.68
CA THR B 87 -7.17 -16.00 -28.47
C THR B 87 -6.61 -15.76 -29.88
N LEU B 88 -5.58 -16.50 -30.25
CA LEU B 88 -5.18 -16.58 -31.66
C LEU B 88 -5.13 -18.03 -32.16
N PRO B 89 -6.31 -18.65 -32.38
CA PRO B 89 -6.39 -20.10 -32.55
C PRO B 89 -5.65 -20.64 -33.80
N GLY B 90 -4.87 -21.70 -33.58
CA GLY B 90 -4.02 -22.29 -34.61
C GLY B 90 -2.63 -21.68 -34.56
N LEU B 91 -2.55 -20.44 -34.08
CA LEU B 91 -1.32 -19.67 -34.07
C LEU B 91 -0.72 -19.55 -32.65
N ARG B 92 -1.59 -19.36 -31.67
CA ARG B 92 -1.17 -19.17 -30.30
C ARG B 92 -2.08 -19.96 -29.37
N THR B 93 -1.45 -20.64 -28.39
CA THR B 93 -2.12 -21.07 -27.15
C THR B 93 -2.92 -19.84 -26.71
N SER B 94 -4.22 -20.05 -26.44
CA SER B 94 -5.05 -18.96 -25.95
C SER B 94 -4.53 -18.52 -24.58
N GLY B 95 -4.82 -17.27 -24.24
CA GLY B 95 -4.41 -16.77 -22.93
C GLY B 95 -4.88 -17.72 -21.83
N ILE B 96 -6.11 -18.22 -21.92
CA ILE B 96 -6.69 -19.06 -20.84
C ILE B 96 -6.03 -20.41 -20.76
N GLU B 97 -5.72 -20.99 -21.92
CA GLU B 97 -5.00 -22.25 -22.02
C GLU B 97 -3.64 -22.11 -21.34
N GLN B 98 -2.92 -21.03 -21.66
CA GLN B 98 -1.66 -20.72 -21.02
C GLN B 98 -1.77 -20.58 -19.49
N LEU B 99 -2.78 -19.85 -19.01
CA LEU B 99 -2.99 -19.64 -17.55
C LEU B 99 -3.23 -20.96 -16.81
N GLU B 100 -3.94 -21.90 -17.46
CA GLU B 100 -4.22 -23.21 -16.83
C GLU B 100 -2.99 -24.11 -16.77
N LYS B 101 -1.92 -23.73 -17.48
CA LYS B 101 -0.58 -24.36 -17.43
C LYS B 101 0.40 -23.70 -16.46
N ASN B 102 -0.02 -22.62 -15.82
CA ASN B 102 0.92 -21.76 -15.11
C ASN B 102 0.81 -22.03 -13.61
N PRO B 103 1.97 -22.08 -12.92
CA PRO B 103 2.00 -22.32 -11.47
C PRO B 103 1.72 -21.04 -10.67
N SER B 104 1.12 -21.23 -9.50
CA SER B 104 0.71 -20.15 -8.61
C SER B 104 1.91 -19.65 -7.86
N PRO B 105 1.96 -18.34 -7.52
CA PRO B 105 0.92 -17.35 -7.85
C PRO B 105 0.95 -16.92 -9.34
N ARG B 106 -0.22 -16.95 -10.00
CA ARG B 106 -0.31 -16.60 -11.39
C ARG B 106 -0.53 -15.10 -11.46
N ILE B 107 0.19 -14.44 -12.36
CA ILE B 107 -0.10 -13.06 -12.77
C ILE B 107 -0.99 -13.18 -14.00
N VAL B 108 -2.07 -12.42 -13.96
CA VAL B 108 -3.07 -12.45 -15.00
C VAL B 108 -3.19 -11.05 -15.62
N LYS B 109 -2.91 -10.91 -16.92
CA LYS B 109 -3.06 -9.59 -17.54
C LYS B 109 -4.48 -9.48 -18.16
N THR B 110 -5.08 -8.31 -18.07
CA THR B 110 -6.41 -8.08 -18.72
C THR B 110 -6.69 -6.60 -19.05
N HIS B 111 -7.45 -6.36 -20.11
CA HIS B 111 -7.92 -5.00 -20.42
C HIS B 111 -9.41 -4.96 -20.24
N LEU B 112 -9.97 -6.00 -19.60
CA LEU B 112 -11.42 -6.11 -19.50
C LEU B 112 -12.00 -5.00 -18.58
N PRO B 113 -13.19 -4.42 -18.97
CA PRO B 113 -13.93 -3.51 -18.10
C PRO B 113 -14.47 -4.27 -16.90
N THR B 114 -14.65 -3.58 -15.78
CA THR B 114 -15.06 -4.25 -14.54
C THR B 114 -16.20 -5.19 -14.70
N ASP B 115 -17.21 -4.84 -15.52
CA ASP B 115 -18.37 -5.66 -15.73
C ASP B 115 -18.11 -6.90 -16.60
N LEU B 116 -16.96 -7.01 -17.28
CA LEU B 116 -16.66 -8.25 -18.04
C LEU B 116 -15.64 -9.17 -17.39
N LEU B 117 -14.91 -8.67 -16.40
CA LEU B 117 -14.00 -9.50 -15.62
C LEU B 117 -14.74 -10.74 -15.04
N PRO B 118 -14.17 -11.95 -15.26
CA PRO B 118 -14.76 -13.13 -14.61
C PRO B 118 -15.09 -12.99 -13.12
N LYS B 119 -16.32 -13.34 -12.79
CA LYS B 119 -16.83 -13.18 -11.41
C LYS B 119 -15.94 -13.91 -10.39
N SER B 120 -15.35 -15.04 -10.84
CA SER B 120 -14.48 -15.81 -9.97
C SER B 120 -13.40 -14.96 -9.32
N PHE B 121 -12.90 -13.94 -10.02
CA PHE B 121 -11.85 -13.08 -9.44
C PHE B 121 -12.34 -12.26 -8.23
N TRP B 122 -13.57 -11.75 -8.28
CA TRP B 122 -14.08 -11.01 -7.11
C TRP B 122 -14.38 -11.96 -5.95
N GLU B 123 -15.00 -13.10 -6.27
CA GLU B 123 -15.36 -14.13 -5.27
C GLU B 123 -14.13 -14.67 -4.50
N ASN B 124 -13.01 -14.87 -5.22
CA ASN B 124 -11.78 -15.32 -4.58
C ASN B 124 -10.96 -14.22 -3.89
N ASN B 125 -11.46 -12.97 -3.93
CA ASN B 125 -10.78 -11.84 -3.33
C ASN B 125 -9.35 -11.61 -3.85
N CYS B 126 -9.16 -11.82 -5.17
CA CYS B 126 -7.83 -11.72 -5.78
C CYS B 126 -7.32 -10.28 -5.72
N LYS B 127 -6.06 -10.10 -5.29
CA LYS B 127 -5.33 -8.84 -5.44
C LYS B 127 -5.23 -8.39 -6.92
N MET B 128 -5.50 -7.10 -7.15
CA MET B 128 -5.39 -6.55 -8.49
C MET B 128 -4.66 -5.21 -8.43
N ILE B 129 -3.88 -4.97 -9.47
CA ILE B 129 -3.20 -3.73 -9.68
C ILE B 129 -3.85 -3.13 -10.88
N TYR B 130 -4.47 -1.97 -10.69
CA TYR B 130 -5.02 -1.28 -11.87
C TYR B 130 -4.13 -0.10 -12.24
N LEU B 131 -3.56 -0.12 -13.44
CA LEU B 131 -2.74 0.98 -13.87
C LEU B 131 -3.47 1.84 -14.93
N ALA B 132 -3.44 3.15 -14.73
CA ALA B 132 -4.05 4.09 -15.66
C ALA B 132 -3.02 5.10 -16.17
N ARG B 133 -3.24 5.63 -17.38
CA ARG B 133 -2.33 6.57 -18.05
C ARG B 133 -3.17 7.72 -18.57
N ASN B 134 -2.61 8.93 -18.74
CA ASN B 134 -3.51 10.02 -19.22
C ASN B 134 -4.12 9.67 -20.59
N ALA B 135 -5.36 10.10 -20.85
CA ALA B 135 -6.07 9.72 -22.10
C ALA B 135 -5.40 10.18 -23.40
N LYS B 136 -4.61 11.28 -23.37
CA LYS B 136 -3.99 11.79 -24.60
C LYS B 136 -2.85 10.91 -25.04
N ASP B 137 -2.00 10.53 -24.10
CA ASP B 137 -0.89 9.61 -24.39
C ASP B 137 -1.42 8.22 -24.77
N VAL B 138 -2.47 7.77 -24.09
CA VAL B 138 -3.11 6.50 -24.46
C VAL B 138 -3.57 6.56 -25.91
N SER B 139 -4.29 7.62 -26.32
CA SER B 139 -4.85 7.70 -27.68
C SER B 139 -3.74 7.60 -28.75
N VAL B 140 -2.64 8.31 -28.55
CA VAL B 140 -1.51 8.29 -29.48
C VAL B 140 -0.86 6.91 -29.51
N SER B 141 -0.74 6.32 -28.33
CA SER B 141 -0.10 5.06 -28.22
C SER B 141 -0.95 3.98 -28.93
N TYR B 142 -2.27 4.11 -28.85
CA TYR B 142 -3.19 3.07 -29.28
C TYR B 142 -3.29 3.19 -30.82
N TYR B 143 -3.37 4.42 -31.31
CA TYR B 143 -3.19 4.70 -32.74
C TYR B 143 -2.00 3.97 -33.37
N HIS B 144 -0.81 4.20 -32.81
CA HIS B 144 0.40 3.55 -33.30
C HIS B 144 0.40 2.05 -33.21
N PHE B 145 -0.15 1.55 -32.13
CA PHE B 145 -0.41 0.13 -31.98
C PHE B 145 -1.29 -0.42 -33.08
N ASP B 146 -2.33 0.29 -33.50
CA ASP B 146 -3.21 -0.27 -34.56
C ASP B 146 -2.51 -0.36 -35.95
N LEU B 147 -1.57 0.55 -36.21
CA LEU B 147 -0.64 0.48 -37.36
C LEU B 147 0.17 -0.85 -37.47
N MET B 148 0.76 -1.28 -36.36
CA MET B 148 1.59 -2.47 -36.28
C MET B 148 0.82 -3.78 -35.98
N ASN B 149 -0.30 -3.70 -35.26
CA ASN B 149 -1.04 -4.90 -34.84
C ASN B 149 -2.13 -5.29 -35.82
N ASN B 150 -1.88 -6.39 -36.53
CA ASN B 150 -2.71 -6.79 -37.66
C ASN B 150 -4.01 -7.48 -37.24
N LEU B 151 -4.24 -7.64 -35.93
CA LEU B 151 -5.55 -8.11 -35.42
C LEU B 151 -6.54 -6.97 -35.31
N GLN B 152 -6.00 -5.77 -35.36
CA GLN B 152 -6.74 -4.55 -35.16
C GLN B 152 -7.24 -4.08 -36.52
N PRO B 153 -8.38 -3.36 -36.56
CA PRO B 153 -8.71 -2.68 -37.82
C PRO B 153 -7.65 -1.61 -38.14
N PHE B 154 -7.42 -1.34 -39.42
CA PHE B 154 -6.66 -0.15 -39.85
C PHE B 154 -7.27 1.08 -39.15
N PRO B 155 -6.43 1.91 -38.46
CA PRO B 155 -7.00 3.03 -37.69
C PRO B 155 -7.38 4.27 -38.54
N GLY B 156 -6.91 4.34 -39.78
CA GLY B 156 -7.13 5.50 -40.63
C GLY B 156 -6.03 6.53 -40.43
N THR B 157 -6.28 7.77 -40.82
CA THR B 157 -5.41 8.87 -40.46
C THR B 157 -5.53 9.09 -38.91
N TRP B 158 -4.50 9.68 -38.29
CA TRP B 158 -4.58 10.13 -36.89
C TRP B 158 -5.87 10.94 -36.59
N GLU B 159 -6.21 11.86 -37.49
CA GLU B 159 -7.46 12.63 -37.36
C GLU B 159 -8.72 11.77 -37.32
N GLU B 160 -8.84 10.78 -38.19
CA GLU B 160 -9.98 9.87 -38.14
C GLU B 160 -9.91 9.01 -36.88
N TYR B 161 -8.71 8.54 -36.54
CA TYR B 161 -8.59 7.75 -35.33
C TYR B 161 -9.03 8.47 -34.04
N LEU B 162 -8.53 9.68 -33.79
CA LEU B 162 -8.87 10.42 -32.53
C LEU B 162 -10.37 10.58 -32.31
N GLU B 163 -11.09 10.79 -33.39
CA GLU B 163 -12.55 10.81 -33.32
C GLU B 163 -13.14 9.48 -32.84
N LYS B 164 -12.65 8.34 -33.37
CA LYS B 164 -13.08 7.03 -32.81
C LYS B 164 -12.67 6.90 -31.32
N PHE B 165 -11.48 7.34 -30.94
CA PHE B 165 -11.10 7.18 -29.54
C PHE B 165 -12.03 7.98 -28.63
N LEU B 166 -12.27 9.25 -28.98
CA LEU B 166 -13.08 10.15 -28.16
C LEU B 166 -14.52 9.65 -27.95
N THR B 167 -15.05 8.95 -28.95
CA THR B 167 -16.38 8.40 -28.84
C THR B 167 -16.42 6.94 -28.40
N GLY B 168 -15.28 6.34 -28.10
CA GLY B 168 -15.24 4.98 -27.55
C GLY B 168 -15.49 3.90 -28.58
N LYS B 169 -15.25 4.23 -29.85
CA LYS B 169 -15.42 3.31 -30.95
C LYS B 169 -14.08 2.61 -31.27
N VAL B 170 -13.50 2.04 -30.21
CA VAL B 170 -12.21 1.40 -30.26
C VAL B 170 -12.32 0.12 -29.44
N ALA B 171 -11.42 -0.84 -29.66
CA ALA B 171 -11.46 -2.09 -28.88
C ALA B 171 -11.42 -1.80 -27.35
N TYR B 172 -12.34 -2.45 -26.61
CA TYR B 172 -12.56 -2.24 -25.16
C TYR B 172 -13.31 -0.96 -24.81
N GLY B 173 -13.76 -0.25 -25.84
CA GLY B 173 -14.67 0.87 -25.65
C GLY B 173 -14.04 2.08 -25.05
N SER B 174 -14.85 2.84 -24.33
CA SER B 174 -14.43 4.17 -23.84
C SER B 174 -13.39 4.14 -22.69
N TRP B 175 -12.35 4.97 -22.80
CA TRP B 175 -11.31 5.12 -21.81
C TRP B 175 -11.94 5.75 -20.57
N PHE B 176 -12.87 6.68 -20.78
CA PHE B 176 -13.49 7.37 -19.68
C PHE B 176 -14.23 6.39 -18.76
N THR B 177 -15.09 5.56 -19.33
CA THR B 177 -15.82 4.52 -18.59
C THR B 177 -14.89 3.48 -17.95
N HIS B 178 -13.88 3.07 -18.70
CA HIS B 178 -12.95 2.09 -18.22
C HIS B 178 -12.31 2.58 -16.92
N VAL B 179 -11.67 3.75 -16.94
CA VAL B 179 -10.96 4.24 -15.73
C VAL B 179 -11.90 4.58 -14.58
N LYS B 180 -13.08 5.12 -14.90
CA LYS B 180 -14.01 5.53 -13.83
C LYS B 180 -14.60 4.36 -13.06
N ASN B 181 -15.03 3.35 -13.79
CA ASN B 181 -15.54 2.16 -13.17
C ASN B 181 -14.49 1.37 -12.38
N TRP B 182 -13.26 1.31 -12.88
CA TRP B 182 -12.22 0.61 -12.12
C TRP B 182 -11.81 1.39 -10.84
N TRP B 183 -11.81 2.73 -10.97
CA TRP B 183 -11.52 3.55 -9.82
C TRP B 183 -12.59 3.40 -8.70
N LYS B 184 -13.87 3.39 -9.10
CA LYS B 184 -14.99 3.08 -8.19
C LYS B 184 -14.83 1.76 -7.42
N ARG B 185 -14.41 0.69 -8.14
CA ARG B 185 -14.19 -0.65 -7.60
C ARG B 185 -13.21 -0.75 -6.43
N LYS B 186 -12.28 0.21 -6.33
CA LYS B 186 -11.20 0.09 -5.35
C LYS B 186 -11.67 0.27 -3.90
N GLU B 187 -12.90 0.73 -3.74
CA GLU B 187 -13.55 0.87 -2.44
C GLU B 187 -14.19 -0.45 -2.00
N GLU B 188 -14.40 -1.38 -2.94
CA GLU B 188 -14.96 -2.72 -2.61
C GLU B 188 -14.07 -3.95 -2.81
N HIS B 189 -12.82 -3.80 -3.26
CA HIS B 189 -11.97 -4.94 -3.52
C HIS B 189 -10.52 -4.49 -3.22
N PRO B 190 -9.61 -5.43 -2.86
CA PRO B 190 -8.18 -5.08 -2.74
C PRO B 190 -7.54 -4.71 -4.10
N ILE B 191 -7.56 -3.41 -4.46
CA ILE B 191 -7.08 -2.99 -5.78
C ILE B 191 -6.13 -1.86 -5.58
N LEU B 192 -4.86 -2.05 -5.98
CA LEU B 192 -3.86 -1.01 -5.94
C LEU B 192 -3.99 -0.17 -7.25
N PHE B 193 -4.38 1.07 -7.15
CA PHE B 193 -4.68 1.87 -8.35
C PHE B 193 -3.48 2.80 -8.54
N LEU B 194 -2.83 2.69 -9.71
CA LEU B 194 -1.56 3.35 -10.04
C LEU B 194 -1.64 4.21 -11.28
N TYR B 195 -0.72 5.18 -11.40
CA TYR B 195 -0.66 6.09 -12.53
C TYR B 195 0.62 5.92 -13.29
N TYR B 196 0.52 5.74 -14.61
CA TYR B 196 1.73 5.58 -15.49
C TYR B 196 2.71 6.72 -15.30
N GLU B 197 2.17 7.95 -15.24
CA GLU B 197 3.01 9.15 -15.09
C GLU B 197 3.74 9.22 -13.74
N ASP B 198 3.12 8.71 -12.66
CA ASP B 198 3.89 8.52 -11.38
C ASP B 198 5.03 7.51 -11.45
N MET B 199 4.77 6.37 -12.07
CA MET B 199 5.82 5.36 -12.30
C MET B 199 7.00 5.88 -13.11
N LYS B 200 6.70 6.74 -14.08
CA LYS B 200 7.68 7.34 -14.93
C LYS B 200 8.56 8.39 -14.21
N GLU B 201 7.91 9.24 -13.42
CA GLU B 201 8.57 10.23 -12.56
C GLU B 201 9.37 9.62 -11.41
N ASN B 202 8.72 8.74 -10.63
CA ASN B 202 9.32 8.13 -9.45
C ASN B 202 9.10 6.62 -9.38
N PRO B 203 9.86 5.84 -10.21
CA PRO B 203 9.59 4.37 -10.19
C PRO B 203 9.90 3.74 -8.83
N LYS B 204 10.95 4.21 -8.14
CA LYS B 204 11.27 3.69 -6.81
C LYS B 204 10.05 3.70 -5.89
N GLU B 205 9.41 4.85 -5.71
CA GLU B 205 8.24 4.93 -4.81
C GLU B 205 7.07 4.07 -5.27
N GLU B 206 6.83 4.01 -6.58
CA GLU B 206 5.67 3.29 -7.11
C GLU B 206 5.91 1.82 -6.95
N ILE B 207 7.14 1.39 -7.27
CA ILE B 207 7.49 -0.02 -7.10
C ILE B 207 7.40 -0.47 -5.62
N LYS B 208 7.82 0.39 -4.69
CA LYS B 208 7.62 0.13 -3.23
C LYS B 208 6.14 -0.13 -2.87
N LYS B 209 5.20 0.55 -3.55
CA LYS B 209 3.77 0.28 -3.30
C LYS B 209 3.37 -1.10 -3.73
N ILE B 210 3.88 -1.53 -4.88
CA ILE B 210 3.61 -2.88 -5.39
C ILE B 210 4.25 -3.98 -4.49
N ILE B 211 5.48 -3.74 -4.02
CA ILE B 211 6.21 -4.66 -3.12
C ILE B 211 5.40 -4.88 -1.85
N ARG B 212 4.94 -3.77 -1.25
CA ARG B 212 4.11 -3.85 -0.06
C ARG B 212 2.81 -4.56 -0.33
N PHE B 213 2.13 -4.18 -1.43
CA PHE B 213 0.83 -4.73 -1.75
C PHE B 213 0.97 -6.24 -1.94
N LEU B 214 2.11 -6.68 -2.48
CA LEU B 214 2.27 -8.11 -2.78
C LEU B 214 2.83 -8.87 -1.58
N GLU B 215 3.04 -8.15 -0.46
CA GLU B 215 3.56 -8.69 0.81
C GLU B 215 4.95 -9.37 0.65
N LYS B 216 5.88 -8.67 0.01
CA LYS B 216 7.19 -9.23 -0.29
C LYS B 216 8.26 -8.50 0.49
N ASN B 217 9.38 -9.16 0.70
CA ASN B 217 10.46 -8.63 1.55
C ASN B 217 11.76 -8.42 0.76
N LEU B 218 11.88 -7.20 0.23
CA LEU B 218 12.96 -6.83 -0.66
C LEU B 218 13.71 -5.61 -0.19
N ASN B 219 15.04 -5.71 -0.18
CA ASN B 219 15.84 -4.61 0.26
C ASN B 219 16.18 -3.64 -0.88
N ASP B 220 16.95 -2.61 -0.57
CA ASP B 220 17.23 -1.55 -1.55
C ASP B 220 18.05 -1.97 -2.76
N GLU B 221 19.00 -2.91 -2.57
CA GLU B 221 19.71 -3.50 -3.71
C GLU B 221 18.73 -4.16 -4.71
N ILE B 222 17.82 -4.99 -4.22
CA ILE B 222 16.86 -5.67 -5.06
C ILE B 222 15.92 -4.67 -5.73
N LEU B 223 15.42 -3.70 -4.95
CA LEU B 223 14.66 -2.58 -5.46
C LEU B 223 15.35 -1.81 -6.60
N ASP B 224 16.60 -1.41 -6.43
CA ASP B 224 17.33 -0.70 -7.49
C ASP B 224 17.48 -1.64 -8.68
N ARG B 225 17.66 -2.93 -8.42
CA ARG B 225 17.77 -3.89 -9.52
C ARG B 225 16.50 -3.99 -10.36
N ILE B 226 15.33 -3.89 -9.71
CA ILE B 226 14.04 -3.93 -10.46
C ILE B 226 13.85 -2.67 -11.27
N ILE B 227 14.10 -1.52 -10.67
CA ILE B 227 14.11 -0.23 -11.40
C ILE B 227 14.99 -0.28 -12.66
N HIS B 228 16.24 -0.71 -12.52
CA HIS B 228 17.11 -0.80 -13.69
C HIS B 228 16.56 -1.78 -14.78
N HIS B 229 16.20 -3.01 -14.40
CA HIS B 229 15.78 -4.05 -15.36
C HIS B 229 14.41 -3.68 -16.05
N THR B 230 13.63 -2.83 -15.42
CA THR B 230 12.31 -2.48 -15.95
C THR B 230 12.28 -1.06 -16.51
N SER B 231 13.46 -0.44 -16.66
CA SER B 231 13.52 0.87 -17.34
C SER B 231 13.16 0.69 -18.83
N PHE B 232 12.65 1.75 -19.45
CA PHE B 232 12.31 1.67 -20.88
C PHE B 232 13.47 1.19 -21.72
N GLU B 233 14.62 1.87 -21.59
CA GLU B 233 15.80 1.50 -22.39
C GLU B 233 16.22 0.03 -22.26
N VAL B 234 16.07 -0.54 -21.07
CA VAL B 234 16.41 -1.96 -20.94
C VAL B 234 15.34 -2.88 -21.51
N MET B 235 14.07 -2.61 -21.22
CA MET B 235 12.97 -3.47 -21.73
C MET B 235 12.84 -3.47 -23.27
N LYS B 236 13.16 -2.34 -23.92
CA LYS B 236 12.89 -2.26 -25.36
C LYS B 236 13.84 -3.18 -26.11
N ASP B 237 14.96 -3.46 -25.47
CA ASP B 237 16.00 -4.30 -26.01
C ASP B 237 15.90 -5.71 -25.42
N ASN B 238 14.94 -5.94 -24.51
CA ASN B 238 14.72 -7.28 -23.90
C ASN B 238 13.79 -8.10 -24.83
N PRO B 239 14.36 -9.08 -25.55
CA PRO B 239 13.58 -9.80 -26.56
C PRO B 239 12.46 -10.65 -25.95
N LEU B 240 12.50 -10.84 -24.63
CA LEU B 240 11.47 -11.61 -23.93
C LEU B 240 10.21 -10.80 -23.58
N VAL B 241 10.28 -9.46 -23.68
CA VAL B 241 9.16 -8.56 -23.31
C VAL B 241 8.80 -7.49 -24.37
N ASN B 242 9.62 -7.39 -25.42
CA ASN B 242 9.45 -6.30 -26.39
C ASN B 242 8.47 -6.68 -27.49
N TYR B 243 7.92 -7.89 -27.38
CA TYR B 243 6.92 -8.41 -28.31
C TYR B 243 7.40 -8.77 -29.74
N THR B 244 8.71 -8.84 -29.95
CA THR B 244 9.25 -9.23 -31.26
C THR B 244 9.21 -10.75 -31.47
N HIS B 245 8.77 -11.48 -30.47
CA HIS B 245 8.56 -12.93 -30.60
C HIS B 245 7.22 -13.32 -31.26
N LEU B 246 6.31 -12.37 -31.43
CA LEU B 246 5.04 -12.63 -32.10
C LEU B 246 5.18 -12.77 -33.64
N PRO B 247 4.28 -13.59 -34.28
CA PRO B 247 4.32 -13.74 -35.73
C PRO B 247 4.19 -12.38 -36.39
N THR B 248 4.83 -12.20 -37.53
CA THR B 248 4.71 -10.94 -38.25
C THR B 248 3.24 -10.74 -38.66
N THR B 249 2.52 -11.83 -38.74
CA THR B 249 1.12 -11.81 -39.04
C THR B 249 0.26 -11.16 -37.89
N VAL B 250 0.78 -11.18 -36.65
CA VAL B 250 0.12 -10.53 -35.50
C VAL B 250 0.64 -9.09 -35.34
N MET B 251 1.97 -8.93 -35.31
CA MET B 251 2.67 -7.64 -35.08
C MET B 251 3.83 -7.38 -36.02
N ASP B 252 3.68 -6.34 -36.81
CA ASP B 252 4.70 -5.90 -37.73
C ASP B 252 5.28 -4.63 -37.11
N HIS B 253 6.36 -4.83 -36.34
CA HIS B 253 7.10 -3.74 -35.70
C HIS B 253 7.71 -2.73 -36.67
N SER B 254 7.72 -3.08 -37.96
CA SER B 254 8.26 -2.18 -38.98
C SER B 254 7.33 -0.99 -39.19
N LYS B 255 6.05 -1.20 -38.94
CA LYS B 255 5.06 -0.09 -38.94
C LYS B 255 5.18 0.83 -37.74
N SER B 256 5.59 0.28 -36.57
CA SER B 256 5.66 0.99 -35.27
C SER B 256 6.12 -0.05 -34.22
N PRO B 257 7.20 0.21 -33.45
CA PRO B 257 7.67 -0.78 -32.49
C PRO B 257 6.72 -0.78 -31.29
N PHE B 258 6.48 -1.97 -30.71
CA PHE B 258 5.68 -2.06 -29.54
C PHE B 258 6.25 -1.13 -28.44
N MET B 259 7.58 -1.21 -28.24
CA MET B 259 8.32 -0.37 -27.32
C MET B 259 8.64 0.88 -28.08
N ARG B 260 7.67 1.76 -28.08
CA ARG B 260 7.58 2.86 -29.02
C ARG B 260 8.38 4.09 -28.56
N LYS B 261 7.90 4.82 -27.54
CA LYS B 261 8.60 6.00 -27.00
C LYS B 261 8.78 5.90 -25.49
N GLY B 262 7.75 5.46 -24.77
CA GLY B 262 7.86 5.24 -23.32
C GLY B 262 7.85 6.48 -22.45
N THR B 263 7.18 7.54 -22.88
CA THR B 263 7.26 8.82 -22.17
C THR B 263 5.87 9.44 -21.93
N ALA B 264 5.77 10.26 -20.88
CA ALA B 264 4.60 11.10 -20.67
C ALA B 264 4.80 12.38 -21.48
N GLY B 265 3.77 12.82 -22.18
CA GLY B 265 3.80 14.06 -22.95
C GLY B 265 4.04 13.92 -24.43
N ASP B 266 4.30 12.69 -24.92
CA ASP B 266 4.47 12.43 -26.37
C ASP B 266 3.27 12.88 -27.26
N TRP B 267 2.07 12.82 -26.70
CA TRP B 267 0.84 13.29 -27.34
C TRP B 267 0.96 14.69 -28.02
N LYS B 268 1.74 15.57 -27.41
CA LYS B 268 1.91 16.95 -27.92
C LYS B 268 2.46 16.97 -29.36
N ASN B 269 3.13 15.89 -29.75
CA ASN B 269 3.70 15.73 -31.12
C ASN B 269 2.65 15.43 -32.21
N TYR B 270 1.45 15.05 -31.80
CA TYR B 270 0.41 14.55 -32.70
C TYR B 270 -0.82 15.43 -32.57
N PHE B 271 -1.19 15.83 -31.35
CA PHE B 271 -2.43 16.59 -31.20
C PHE B 271 -2.31 17.97 -31.87
N THR B 272 -3.25 18.31 -32.75
CA THR B 272 -3.33 19.70 -33.24
C THR B 272 -3.93 20.51 -32.11
N VAL B 273 -3.80 21.84 -32.21
CA VAL B 273 -4.37 22.72 -31.21
C VAL B 273 -5.91 22.58 -31.24
N ALA B 274 -6.48 22.45 -32.44
CA ALA B 274 -7.95 22.24 -32.61
C ALA B 274 -8.41 20.94 -31.95
N GLN B 275 -7.70 19.84 -32.25
CA GLN B 275 -7.93 18.56 -31.58
C GLN B 275 -7.86 18.67 -30.06
N ASN B 276 -6.82 19.30 -29.54
CA ASN B 276 -6.64 19.49 -28.09
C ASN B 276 -7.82 20.26 -27.42
N GLU B 277 -8.27 21.38 -28.03
CA GLU B 277 -9.46 22.05 -27.48
C GLU B 277 -10.70 21.16 -27.49
N LYS B 278 -10.92 20.42 -28.58
CA LYS B 278 -12.11 19.59 -28.67
C LYS B 278 -11.99 18.43 -27.70
N PHE B 279 -10.77 17.88 -27.56
CA PHE B 279 -10.49 16.82 -26.58
C PHE B 279 -10.78 17.28 -25.13
N ASP B 280 -10.25 18.43 -24.76
CA ASP B 280 -10.38 18.95 -23.38
C ASP B 280 -11.84 19.18 -22.94
N ALA B 281 -12.67 19.60 -23.90
CA ALA B 281 -14.05 19.86 -23.65
C ALA B 281 -14.82 18.57 -23.43
N ILE B 282 -14.57 17.56 -24.24
CA ILE B 282 -15.13 16.25 -24.00
C ILE B 282 -14.65 15.71 -22.64
N TYR B 283 -13.35 15.82 -22.41
CA TYR B 283 -12.72 15.37 -21.16
C TYR B 283 -13.40 15.93 -19.88
N GLU B 284 -13.54 17.26 -19.81
CA GLU B 284 -14.19 17.95 -18.68
C GLU B 284 -15.62 17.46 -18.44
N THR B 285 -16.38 17.33 -19.53
CA THR B 285 -17.74 16.74 -19.49
C THR B 285 -17.71 15.35 -18.85
N GLU B 286 -16.72 14.54 -19.22
CA GLU B 286 -16.63 13.14 -18.78
C GLU B 286 -16.04 12.94 -17.36
N MET B 287 -15.11 13.80 -16.98
CA MET B 287 -14.21 13.59 -15.87
C MET B 287 -14.28 14.62 -14.71
N SER B 288 -15.04 15.70 -14.86
CA SER B 288 -14.91 16.80 -13.86
C SER B 288 -15.57 16.46 -12.52
N LYS B 289 -16.48 15.50 -12.49
CA LYS B 289 -17.07 15.12 -11.22
C LYS B 289 -16.13 14.23 -10.38
N THR B 290 -15.35 13.39 -11.09
CA THR B 290 -14.51 12.33 -10.53
C THR B 290 -13.33 12.87 -9.76
N ALA B 291 -12.80 12.06 -8.82
CA ALA B 291 -11.65 12.44 -8.00
C ALA B 291 -10.29 12.06 -8.61
N LEU B 292 -10.30 11.51 -9.82
CA LEU B 292 -9.10 11.13 -10.53
C LEU B 292 -8.30 12.35 -10.95
N GLN B 293 -6.99 12.23 -10.95
CA GLN B 293 -6.17 13.36 -11.25
C GLN B 293 -5.09 12.94 -12.20
N PHE B 294 -5.33 13.14 -13.49
CA PHE B 294 -4.32 12.78 -14.48
C PHE B 294 -3.38 13.95 -14.81
N ARG B 295 -2.09 13.63 -14.96
CA ARG B 295 -1.09 14.54 -15.51
C ARG B 295 -0.82 14.17 -16.99
N THR B 296 -0.79 15.17 -17.88
CA THR B 296 -0.50 14.94 -19.30
C THR B 296 0.98 15.17 -19.64
N GLU B 297 1.75 15.47 -18.61
CA GLU B 297 3.21 15.65 -18.75
C GLU B 297 3.81 15.64 -17.37
N ILE B 298 5.08 15.32 -17.29
CA ILE B 298 5.78 15.41 -16.03
C ILE B 298 7.02 16.31 -16.17
#